data_1Q36
#
_entry.id   1Q36
#
_cell.length_a   57.810
_cell.length_b   85.049
_cell.length_c   87.545
_cell.angle_alpha   90.00
_cell.angle_beta   90.00
_cell.angle_gamma   90.00
#
_symmetry.space_group_name_H-M   'P 21 21 21'
#
loop_
_entity.id
_entity.type
_entity.pdbx_description
1 polymer '3-phosphoshikimate 1-carboxyvinyltransferase'
2 non-polymer '5-(1-CARBOXY-1-PHOSPHONOOXY-ETHOXYL)-4-HYDROXY-3-PHOSPHONOOXY-CYCLOHEX-1-ENECARBOXYLIC ACID'
3 non-polymer 'FORMIC ACID'
4 water water
#
_entity_poly.entity_id   1
_entity_poly.type   'polypeptide(L)'
_entity_poly.pdbx_seq_one_letter_code
;MESLTLQPIARVDGTINLPGSKSVSNRALLLAALAHGKTVLTNLLDSDDVRHMLNALTALGVSYTLSADRTRCEIIGNGG
PLHAEGALELFLGNAGTAMRPLAAALCLGSNDIVLTGEPRMKERPIGHLVDALRLGGAKITYLEQENYPPLRLQGGFTGG
NVDVDGSVSSQFLTALLMTAPLAPEDTVIRIKGDLVSKPYIDITLNLMKTFGVEIENQHYQQFVVKGGQSYQSPGTYLVE
GDASSASYFLAAAAIKGGTVKVTGIGRNSMQGDIRFADVLEKMGATICWGDDYISCTRGELNAIDMDMNHIPAAAMTIAT
AALFAKGTTTLRNIYNWRVKETDRLFAMATELRKVGAEVEEGHDYIRITPPEKLNFAEIATYNDHRMAMCFSLVALSDTP
VTILDPKCTAKTFPDYFEQLARISQAA
;
_entity_poly.pdbx_strand_id   A
#
# COMPACT_ATOMS: atom_id res chain seq x y z
N MET A 1 -22.09 -9.92 -11.79
CA MET A 1 -21.53 -9.57 -10.44
C MET A 1 -21.33 -10.81 -9.57
N GLU A 2 -20.07 -11.18 -9.43
CA GLU A 2 -19.65 -12.32 -8.63
C GLU A 2 -19.82 -11.93 -7.14
N SER A 3 -20.00 -12.92 -6.28
CA SER A 3 -20.08 -12.64 -4.84
C SER A 3 -19.68 -13.88 -4.09
N LEU A 4 -19.32 -13.69 -2.85
CA LEU A 4 -18.93 -14.77 -1.99
C LEU A 4 -19.70 -14.58 -0.67
N THR A 5 -20.23 -15.65 -0.11
CA THR A 5 -20.93 -15.54 1.17
C THR A 5 -20.09 -16.28 2.22
N LEU A 6 -19.80 -15.58 3.31
CA LEU A 6 -19.00 -16.16 4.37
C LEU A 6 -19.96 -16.61 5.48
N GLN A 7 -19.90 -17.87 5.86
CA GLN A 7 -20.74 -18.30 6.97
C GLN A 7 -20.07 -17.86 8.27
N PRO A 8 -20.85 -17.81 9.36
CA PRO A 8 -20.29 -17.41 10.67
C PRO A 8 -19.09 -18.30 11.04
N ILE A 9 -18.07 -17.64 11.60
CA ILE A 9 -16.85 -18.26 12.01
C ILE A 9 -16.84 -18.28 13.52
N ALA A 10 -16.84 -19.49 14.10
CA ALA A 10 -16.93 -19.56 15.55
C ALA A 10 -15.68 -19.14 16.31
N ARG A 11 -14.53 -19.41 15.72
CA ARG A 11 -13.26 -19.10 16.38
C ARG A 11 -12.15 -19.03 15.33
N VAL A 12 -11.11 -18.22 15.55
CA VAL A 12 -10.00 -18.27 14.61
C VAL A 12 -8.78 -18.62 15.46
N ASP A 13 -7.88 -19.36 14.86
CA ASP A 13 -6.65 -19.78 15.53
C ASP A 13 -5.74 -20.37 14.48
N GLY A 14 -4.47 -20.05 14.57
CA GLY A 14 -3.56 -20.63 13.62
C GLY A 14 -2.41 -19.76 13.20
N THR A 15 -1.75 -20.18 12.13
CA THR A 15 -0.58 -19.46 11.63
C THR A 15 -0.74 -19.18 10.16
N ILE A 16 -0.46 -17.95 9.76
CA ILE A 16 -0.53 -17.58 8.36
C ILE A 16 0.86 -17.12 7.94
N ASN A 17 1.38 -17.68 6.84
CA ASN A 17 2.68 -17.20 6.31
C ASN A 17 2.26 -16.11 5.33
N LEU A 18 2.62 -14.87 5.64
CA LEU A 18 2.12 -13.74 4.86
C LEU A 18 2.62 -13.63 3.44
N PRO A 19 1.75 -13.10 2.55
CA PRO A 19 2.16 -12.89 1.16
C PRO A 19 3.17 -11.70 1.26
N GLY A 20 4.01 -11.54 0.25
CA GLY A 20 4.97 -10.45 0.29
C GLY A 20 4.33 -9.07 0.33
N SER A 21 5.06 -8.13 0.90
CA SER A 21 4.63 -6.75 1.00
C SER A 21 4.51 -6.09 -0.39
N LYS A 22 3.35 -5.55 -0.68
CA LYS A 22 3.16 -4.81 -1.95
C LYS A 22 4.07 -3.57 -2.02
N SER A 23 4.12 -2.81 -0.95
CA SER A 23 4.94 -1.60 -0.90
C SER A 23 6.41 -1.90 -1.14
N VAL A 24 6.92 -2.93 -0.48
CA VAL A 24 8.32 -3.27 -0.68
C VAL A 24 8.54 -3.88 -2.06
N SER A 25 7.61 -4.74 -2.47
CA SER A 25 7.78 -5.42 -3.76
C SER A 25 7.91 -4.46 -4.94
N ASN A 26 7.02 -3.47 -5.04
CA ASN A 26 7.11 -2.59 -6.21
C ASN A 26 8.30 -1.65 -6.16
N ARG A 27 8.72 -1.23 -4.95
CA ARG A 27 9.92 -0.40 -4.87
C ARG A 27 11.14 -1.26 -5.27
N ALA A 28 11.19 -2.50 -4.78
CA ALA A 28 12.36 -3.33 -5.06
C ALA A 28 12.45 -3.65 -6.54
N LEU A 29 11.30 -3.91 -7.17
CA LEU A 29 11.36 -4.20 -8.61
C LEU A 29 11.87 -3.01 -9.43
N LEU A 30 11.39 -1.79 -9.14
CA LEU A 30 11.84 -0.65 -9.91
C LEU A 30 13.34 -0.38 -9.62
N LEU A 31 13.74 -0.47 -8.34
CA LEU A 31 15.16 -0.21 -8.05
C LEU A 31 16.03 -1.30 -8.69
N ALA A 32 15.58 -2.55 -8.67
CA ALA A 32 16.35 -3.62 -9.31
C ALA A 32 16.47 -3.39 -10.81
N ALA A 33 15.42 -2.85 -11.41
CA ALA A 33 15.45 -2.61 -12.86
C ALA A 33 16.42 -1.47 -13.19
N LEU A 34 16.51 -0.49 -12.30
CA LEU A 34 17.38 0.66 -12.56
C LEU A 34 18.83 0.31 -12.23
N ALA A 35 19.01 -0.64 -11.32
CA ALA A 35 20.34 -1.03 -10.82
C ALA A 35 21.26 -1.74 -11.79
N HIS A 36 22.52 -1.80 -11.40
CA HIS A 36 23.51 -2.55 -12.15
C HIS A 36 23.62 -3.90 -11.46
N GLY A 37 23.59 -4.95 -12.26
CA GLY A 37 23.73 -6.31 -11.74
C GLY A 37 22.42 -7.05 -11.64
N LYS A 38 22.48 -8.32 -11.24
CA LYS A 38 21.28 -9.14 -11.14
C LYS A 38 20.79 -9.18 -9.72
N THR A 39 19.51 -8.89 -9.53
CA THR A 39 18.92 -8.94 -8.20
C THR A 39 18.00 -10.14 -8.18
N VAL A 40 18.05 -10.88 -7.08
CA VAL A 40 17.13 -12.01 -6.95
C VAL A 40 16.25 -11.61 -5.77
N LEU A 41 14.96 -11.42 -6.03
CA LEU A 41 14.00 -11.08 -4.98
C LEU A 41 13.27 -12.33 -4.58
N THR A 42 13.13 -12.57 -3.26
CA THR A 42 12.37 -13.74 -2.83
C THR A 42 11.24 -13.20 -1.94
N ASN A 43 10.20 -14.01 -1.81
CA ASN A 43 8.98 -13.67 -1.08
C ASN A 43 8.30 -12.46 -1.75
N LEU A 44 8.54 -12.28 -3.05
CA LEU A 44 7.90 -11.22 -3.80
C LEU A 44 6.37 -11.48 -3.83
N LEU A 45 5.58 -10.41 -3.79
CA LEU A 45 4.13 -10.60 -3.85
C LEU A 45 3.65 -10.83 -5.28
N ASP A 46 2.75 -11.80 -5.46
CA ASP A 46 2.10 -11.97 -6.74
C ASP A 46 0.69 -11.40 -6.53
N SER A 47 0.44 -10.22 -7.08
CA SER A 47 -0.88 -9.57 -6.99
C SER A 47 -1.01 -8.62 -8.18
N ASP A 48 -2.20 -8.05 -8.40
CA ASP A 48 -2.35 -7.18 -9.57
C ASP A 48 -1.35 -6.03 -9.57
N ASP A 49 -1.14 -5.37 -8.41
CA ASP A 49 -0.23 -4.24 -8.42
C ASP A 49 1.17 -4.60 -8.83
N VAL A 50 1.64 -5.79 -8.41
CA VAL A 50 2.99 -6.19 -8.79
C VAL A 50 3.03 -6.62 -10.26
N ARG A 51 1.96 -7.32 -10.66
CA ARG A 51 1.89 -7.75 -12.05
C ARG A 51 1.93 -6.55 -13.02
N HIS A 52 1.27 -5.45 -12.66
CA HIS A 52 1.30 -4.28 -13.56
C HIS A 52 2.73 -3.71 -13.62
N MET A 53 3.44 -3.69 -12.49
CA MET A 53 4.83 -3.20 -12.52
C MET A 53 5.68 -4.15 -13.38
N LEU A 54 5.52 -5.47 -13.21
CA LEU A 54 6.27 -6.43 -14.00
C LEU A 54 5.98 -6.27 -15.49
N ASN A 55 4.71 -6.03 -15.82
CA ASN A 55 4.38 -5.84 -17.25
C ASN A 55 5.03 -4.56 -17.78
N ALA A 56 5.08 -3.52 -16.95
CA ALA A 56 5.66 -2.27 -17.38
C ALA A 56 7.15 -2.45 -17.62
N LEU A 57 7.81 -3.19 -16.72
CA LEU A 57 9.24 -3.43 -16.90
C LEU A 57 9.44 -4.25 -18.17
N THR A 58 8.61 -5.28 -18.40
CA THR A 58 8.77 -6.04 -19.65
C THR A 58 8.65 -5.08 -20.85
N ALA A 59 7.63 -4.23 -20.82
CA ALA A 59 7.42 -3.30 -21.93
C ALA A 59 8.60 -2.33 -22.18
N LEU A 60 9.26 -1.96 -21.09
CA LEU A 60 10.40 -1.07 -21.15
C LEU A 60 11.65 -1.78 -21.58
N GLY A 61 11.60 -3.10 -21.71
CA GLY A 61 12.78 -3.85 -22.17
C GLY A 61 13.60 -4.52 -21.09
N VAL A 62 13.11 -4.52 -19.86
CA VAL A 62 13.86 -5.13 -18.78
C VAL A 62 13.65 -6.64 -18.83
N SER A 63 14.72 -7.39 -18.64
CA SER A 63 14.67 -8.85 -18.64
C SER A 63 14.59 -9.43 -17.22
N TYR A 64 13.71 -10.41 -16.99
CA TYR A 64 13.64 -11.03 -15.67
C TYR A 64 12.95 -12.38 -15.84
N THR A 65 13.09 -13.22 -14.80
CA THR A 65 12.41 -14.51 -14.82
C THR A 65 11.71 -14.64 -13.48
N LEU A 66 10.64 -15.42 -13.48
CA LEU A 66 9.83 -15.64 -12.28
C LEU A 66 9.74 -17.11 -12.02
N SER A 67 9.67 -17.46 -10.75
CA SER A 67 9.50 -18.87 -10.35
C SER A 67 8.02 -19.26 -10.59
N ALA A 68 7.74 -20.54 -10.41
CA ALA A 68 6.38 -21.03 -10.67
C ALA A 68 5.30 -20.29 -9.91
N ASP A 69 5.59 -19.96 -8.65
CA ASP A 69 4.59 -19.28 -7.86
C ASP A 69 4.71 -17.77 -7.92
N ARG A 70 5.61 -17.31 -8.78
CA ARG A 70 5.85 -15.89 -9.00
C ARG A 70 6.31 -15.15 -7.78
N THR A 71 6.88 -15.85 -6.81
CA THR A 71 7.35 -15.14 -5.61
C THR A 71 8.87 -15.01 -5.64
N ARG A 72 9.53 -15.61 -6.61
CA ARG A 72 11.00 -15.45 -6.74
C ARG A 72 11.22 -14.80 -8.07
N CYS A 73 11.99 -13.71 -8.11
CA CYS A 73 12.18 -13.01 -9.38
C CYS A 73 13.64 -12.70 -9.55
N GLU A 74 14.20 -13.05 -10.69
CA GLU A 74 15.61 -12.75 -10.96
C GLU A 74 15.59 -11.64 -12.01
N ILE A 75 15.99 -10.43 -11.61
CA ILE A 75 15.92 -9.29 -12.50
C ILE A 75 17.30 -8.90 -13.02
N ILE A 76 17.41 -8.68 -14.32
CA ILE A 76 18.70 -8.23 -14.91
C ILE A 76 18.62 -6.69 -14.91
N GLY A 77 19.41 -6.05 -14.07
CA GLY A 77 19.33 -4.59 -14.00
C GLY A 77 19.73 -3.93 -15.32
N ASN A 78 19.10 -2.80 -15.57
CA ASN A 78 19.38 -2.05 -16.78
C ASN A 78 20.64 -1.22 -16.60
N GLY A 79 21.10 -1.02 -15.36
CA GLY A 79 22.27 -0.17 -15.15
C GLY A 79 22.04 1.28 -15.55
N GLY A 80 20.89 1.79 -15.16
CA GLY A 80 20.60 3.17 -15.45
C GLY A 80 19.13 3.40 -15.78
N PRO A 81 18.73 4.65 -15.99
CA PRO A 81 17.35 5.00 -16.33
C PRO A 81 16.76 4.14 -17.44
N LEU A 82 15.46 3.85 -17.30
CA LEU A 82 14.75 3.04 -18.27
C LEU A 82 14.27 3.94 -19.41
N HIS A 83 14.19 3.39 -20.61
CA HIS A 83 13.77 4.22 -21.73
C HIS A 83 12.84 3.59 -22.77
N ALA A 84 11.97 4.40 -23.36
CA ALA A 84 11.12 3.96 -24.46
C ALA A 84 10.65 5.23 -25.16
N GLU A 85 10.29 5.09 -26.43
CA GLU A 85 9.83 6.23 -27.20
C GLU A 85 8.50 5.87 -27.85
N GLY A 86 8.05 6.74 -28.75
CA GLY A 86 6.81 6.51 -29.48
C GLY A 86 5.54 6.56 -28.66
N ALA A 87 5.60 7.31 -27.55
CA ALA A 87 4.46 7.45 -26.64
C ALA A 87 3.96 6.05 -26.25
N LEU A 88 4.88 5.15 -25.97
CA LEU A 88 4.56 3.77 -25.55
C LEU A 88 3.60 3.88 -24.37
N GLU A 89 2.51 3.13 -24.41
CA GLU A 89 1.57 3.23 -23.30
C GLU A 89 1.81 2.12 -22.30
N LEU A 90 1.99 2.51 -21.02
CA LEU A 90 2.14 1.52 -19.94
C LEU A 90 0.83 1.58 -19.16
N PHE A 91 0.15 0.43 -19.08
CA PHE A 91 -1.12 0.38 -18.37
C PHE A 91 -0.83 -0.11 -16.95
N LEU A 92 -1.14 0.74 -15.96
CA LEU A 92 -0.76 0.44 -14.58
C LEU A 92 -1.86 0.05 -13.60
N GLY A 93 -3.00 -0.39 -14.15
CA GLY A 93 -4.11 -0.83 -13.32
C GLY A 93 -4.50 0.26 -12.34
N ASN A 94 -4.55 -0.06 -11.05
CA ASN A 94 -4.86 1.02 -10.08
C ASN A 94 -3.73 1.02 -9.06
N ALA A 95 -2.51 0.74 -9.54
CA ALA A 95 -1.33 0.63 -8.66
C ALA A 95 -0.64 1.94 -8.41
N GLY A 96 -0.88 2.55 -7.25
CA GLY A 96 -0.18 3.79 -6.97
C GLY A 96 1.33 3.60 -6.91
N THR A 97 1.76 2.44 -6.44
CA THR A 97 3.20 2.20 -6.30
C THR A 97 3.85 1.91 -7.63
N ALA A 98 3.05 1.83 -8.70
CA ALA A 98 3.67 1.74 -10.03
C ALA A 98 3.51 3.13 -10.67
N MET A 99 2.30 3.69 -10.65
CA MET A 99 2.05 4.99 -11.28
C MET A 99 2.88 6.15 -10.72
N ARG A 100 2.92 6.32 -9.40
CA ARG A 100 3.65 7.47 -8.89
C ARG A 100 5.16 7.29 -9.11
N PRO A 101 5.73 6.14 -8.73
CA PRO A 101 7.20 6.01 -8.94
C PRO A 101 7.63 6.04 -10.40
N LEU A 102 6.88 5.39 -11.30
CA LEU A 102 7.29 5.43 -12.74
C LEU A 102 7.09 6.82 -13.31
N ALA A 103 6.07 7.56 -12.84
CA ALA A 103 5.86 8.92 -13.37
C ALA A 103 7.11 9.75 -13.13
N ALA A 104 7.75 9.57 -11.99
CA ALA A 104 8.99 10.33 -11.72
C ALA A 104 10.19 9.68 -12.42
N ALA A 105 10.36 8.38 -12.25
CA ALA A 105 11.57 7.76 -12.78
C ALA A 105 11.74 7.90 -14.26
N LEU A 106 10.64 7.82 -15.00
CA LEU A 106 10.71 7.88 -16.44
C LEU A 106 10.91 9.30 -16.97
N CYS A 107 11.05 10.28 -16.05
CA CYS A 107 11.38 11.66 -16.46
C CYS A 107 12.91 11.82 -16.62
N LEU A 108 13.69 10.78 -16.27
CA LEU A 108 15.16 10.86 -16.42
C LEU A 108 15.58 10.72 -17.87
N GLY A 109 16.38 11.68 -18.37
CA GLY A 109 16.82 11.57 -19.76
C GLY A 109 15.70 12.02 -20.67
N SER A 110 15.70 11.47 -21.87
CA SER A 110 14.64 11.77 -22.82
C SER A 110 13.81 10.51 -22.80
N ASN A 111 12.55 10.69 -23.12
CA ASN A 111 11.62 9.58 -23.23
C ASN A 111 10.35 10.12 -23.86
N ASP A 112 9.47 9.21 -24.26
CA ASP A 112 8.16 9.60 -24.75
C ASP A 112 7.30 8.40 -24.41
N ILE A 113 6.72 8.48 -23.22
CA ILE A 113 5.93 7.37 -22.67
C ILE A 113 4.67 7.92 -22.06
N VAL A 114 3.58 7.14 -22.20
CA VAL A 114 2.31 7.51 -21.62
C VAL A 114 1.98 6.51 -20.51
N LEU A 115 1.60 7.06 -19.36
CA LEU A 115 1.18 6.24 -18.22
C LEU A 115 -0.34 6.38 -18.04
N THR A 116 -1.01 5.25 -17.97
CA THR A 116 -2.44 5.26 -17.74
C THR A 116 -2.84 4.09 -16.84
N GLY A 117 -4.15 3.88 -16.68
CA GLY A 117 -4.58 2.76 -15.86
C GLY A 117 -6.09 2.66 -15.89
N GLU A 118 -6.62 1.95 -14.90
CA GLU A 118 -8.06 1.76 -14.81
C GLU A 118 -8.77 3.11 -14.58
N PRO A 119 -10.08 3.14 -14.84
CA PRO A 119 -10.81 4.38 -14.66
C PRO A 119 -10.56 5.07 -13.32
N ARG A 120 -10.55 4.30 -12.23
CA ARG A 120 -10.36 4.93 -10.92
C ARG A 120 -8.99 5.61 -10.83
N MET A 121 -8.00 5.06 -11.52
CA MET A 121 -6.66 5.67 -11.43
C MET A 121 -6.66 7.04 -12.06
N LYS A 122 -7.54 7.26 -13.04
CA LYS A 122 -7.63 8.57 -13.67
C LYS A 122 -8.31 9.57 -12.73
N GLU A 123 -8.76 9.10 -11.57
CA GLU A 123 -9.38 9.95 -10.56
C GLU A 123 -8.54 10.05 -9.30
N ARG A 124 -7.33 9.50 -9.32
CA ARG A 124 -6.43 9.55 -8.14
C ARG A 124 -5.42 10.63 -8.49
N PRO A 125 -5.27 11.61 -7.59
CA PRO A 125 -4.38 12.75 -7.84
C PRO A 125 -2.91 12.49 -8.05
N ILE A 126 -2.31 13.30 -8.91
CA ILE A 126 -0.89 13.19 -9.13
C ILE A 126 -0.26 14.56 -9.40
N GLY A 127 -1.08 15.60 -9.29
CA GLY A 127 -0.62 16.94 -9.57
C GLY A 127 0.55 17.40 -8.70
N HIS A 128 0.54 17.03 -7.43
CA HIS A 128 1.65 17.47 -6.58
C HIS A 128 2.99 16.92 -7.06
N LEU A 129 2.99 15.69 -7.60
CA LEU A 129 4.21 15.08 -8.11
C LEU A 129 4.61 15.72 -9.43
N VAL A 130 3.64 15.93 -10.31
CA VAL A 130 3.94 16.57 -11.58
C VAL A 130 4.51 17.99 -11.35
N ASP A 131 3.93 18.73 -10.41
CA ASP A 131 4.44 20.08 -10.13
C ASP A 131 5.92 19.99 -9.74
N ALA A 132 6.24 19.06 -8.83
CA ALA A 132 7.63 18.91 -8.37
C ALA A 132 8.55 18.49 -9.53
N LEU A 133 8.14 17.50 -10.33
CA LEU A 133 8.99 17.06 -11.45
C LEU A 133 9.27 18.19 -12.45
N ARG A 134 8.24 18.99 -12.73
CA ARG A 134 8.41 20.15 -13.63
C ARG A 134 9.40 21.15 -13.05
N LEU A 135 9.37 21.40 -11.74
CA LEU A 135 10.33 22.33 -11.16
C LEU A 135 11.75 21.81 -11.39
N GLY A 136 11.93 20.48 -11.49
CA GLY A 136 13.24 19.93 -11.72
C GLY A 136 13.57 19.79 -13.19
N GLY A 137 12.67 20.27 -14.05
CA GLY A 137 12.93 20.24 -15.48
C GLY A 137 12.14 19.29 -16.40
N ALA A 138 11.32 18.43 -15.80
CA ALA A 138 10.59 17.48 -16.62
C ALA A 138 9.50 18.11 -17.47
N LYS A 139 9.28 17.50 -18.64
CA LYS A 139 8.19 17.90 -19.55
C LYS A 139 7.13 16.82 -19.34
N ILE A 140 5.97 17.23 -18.81
CA ILE A 140 4.86 16.27 -18.55
C ILE A 140 3.54 16.91 -19.03
N THR A 141 2.74 16.11 -19.74
CA THR A 141 1.46 16.57 -20.25
C THR A 141 0.28 15.74 -19.70
N TYR A 142 -0.76 16.43 -19.23
CA TYR A 142 -1.97 15.77 -18.78
C TYR A 142 -2.78 15.54 -20.03
N LEU A 143 -3.10 14.28 -20.30
CA LEU A 143 -3.86 13.97 -21.51
C LEU A 143 -5.37 14.05 -21.32
N GLU A 144 -5.82 14.04 -20.07
CA GLU A 144 -7.24 14.15 -19.76
C GLU A 144 -7.44 15.24 -18.70
N GLN A 145 -7.88 14.91 -17.48
CA GLN A 145 -8.12 15.95 -16.47
C GLN A 145 -6.82 16.41 -15.86
N GLU A 146 -6.65 17.73 -15.77
CA GLU A 146 -5.49 18.36 -15.16
C GLU A 146 -5.37 17.77 -13.75
N ASN A 147 -4.13 17.46 -13.36
CA ASN A 147 -3.75 16.91 -12.05
C ASN A 147 -3.96 15.43 -11.87
N TYR A 148 -4.31 14.76 -12.96
CA TYR A 148 -4.56 13.31 -12.89
C TYR A 148 -3.99 12.56 -14.06
N PRO A 149 -3.74 11.23 -13.89
CA PRO A 149 -3.26 10.44 -15.04
C PRO A 149 -4.49 10.47 -15.98
N PRO A 150 -4.30 10.14 -17.26
CA PRO A 150 -3.02 9.72 -17.86
C PRO A 150 -2.04 10.85 -18.13
N LEU A 151 -0.74 10.49 -18.17
CA LEU A 151 0.33 11.45 -18.37
C LEU A 151 1.17 11.06 -19.56
N ARG A 152 1.64 12.06 -20.31
CA ARG A 152 2.60 11.79 -21.37
C ARG A 152 3.92 12.42 -20.83
N LEU A 153 4.92 11.57 -20.69
CA LEU A 153 6.23 11.97 -20.14
C LEU A 153 7.23 12.13 -21.24
N GLN A 154 7.86 13.31 -21.33
CA GLN A 154 8.86 13.51 -22.38
C GLN A 154 10.28 13.77 -21.88
N GLY A 155 10.49 13.48 -20.60
CA GLY A 155 11.83 13.59 -20.04
C GLY A 155 12.26 14.95 -19.57
N GLY A 156 13.55 15.03 -19.23
CA GLY A 156 14.09 16.32 -18.81
C GLY A 156 14.31 16.62 -17.36
N PHE A 157 14.01 15.69 -16.46
CA PHE A 157 14.25 15.99 -15.05
C PHE A 157 15.77 15.97 -14.83
N THR A 158 16.37 17.12 -14.51
CA THR A 158 17.81 17.17 -14.30
C THR A 158 18.20 17.35 -12.84
N GLY A 159 17.27 17.78 -12.00
CA GLY A 159 17.54 18.01 -10.59
C GLY A 159 17.33 19.47 -10.18
N GLY A 160 17.97 19.88 -9.09
CA GLY A 160 17.81 21.27 -8.66
C GLY A 160 16.95 21.45 -7.43
N ASN A 161 16.41 22.64 -7.24
CA ASN A 161 15.55 22.89 -6.09
C ASN A 161 14.12 22.51 -6.48
N VAL A 162 13.57 21.56 -5.75
CA VAL A 162 12.22 21.05 -6.03
C VAL A 162 11.37 21.13 -4.78
N ASP A 163 10.18 21.73 -4.87
CA ASP A 163 9.31 21.72 -3.72
C ASP A 163 8.31 20.64 -4.02
N VAL A 164 7.82 20.00 -2.97
CA VAL A 164 6.74 19.04 -3.15
C VAL A 164 5.76 19.09 -2.00
N ASP A 165 4.48 19.04 -2.34
CA ASP A 165 3.39 19.02 -1.35
C ASP A 165 3.31 17.59 -0.76
N GLY A 166 3.32 17.49 0.57
CA GLY A 166 3.26 16.18 1.19
C GLY A 166 1.95 15.93 1.91
N SER A 167 0.99 16.82 1.70
CA SER A 167 -0.29 16.77 2.41
C SER A 167 -1.34 15.78 1.91
N VAL A 168 -1.21 15.30 0.68
CA VAL A 168 -2.17 14.34 0.13
C VAL A 168 -1.66 12.89 0.01
N SER A 169 -0.41 12.72 -0.41
CA SER A 169 0.15 11.36 -0.51
C SER A 169 1.65 11.43 -0.24
N SER A 170 2.15 10.42 0.45
CA SER A 170 3.59 10.32 0.65
C SER A 170 4.22 9.74 -0.63
N GLN A 171 3.40 9.24 -1.55
CA GLN A 171 3.97 8.64 -2.74
C GLN A 171 4.66 9.58 -3.68
N PHE A 172 4.28 10.85 -3.64
CA PHE A 172 4.91 11.82 -4.50
C PHE A 172 6.37 12.00 -4.06
N LEU A 173 6.56 12.25 -2.76
CA LEU A 173 7.94 12.36 -2.22
C LEU A 173 8.70 11.03 -2.46
N THR A 174 8.05 9.89 -2.21
CA THR A 174 8.73 8.65 -2.49
C THR A 174 9.24 8.58 -3.92
N ALA A 175 8.40 8.97 -4.87
CA ALA A 175 8.79 8.88 -6.27
C ALA A 175 9.97 9.79 -6.55
N LEU A 176 9.95 10.99 -5.98
CA LEU A 176 11.08 11.90 -6.21
C LEU A 176 12.35 11.35 -5.58
N LEU A 177 12.22 10.81 -4.37
CA LEU A 177 13.40 10.27 -3.68
C LEU A 177 14.08 9.16 -4.49
N MET A 178 13.31 8.26 -5.10
CA MET A 178 13.93 7.17 -5.84
C MET A 178 14.56 7.63 -7.16
N THR A 179 13.98 8.68 -7.72
CA THR A 179 14.46 9.23 -8.98
C THR A 179 15.66 10.14 -8.90
N ALA A 180 15.66 11.05 -7.92
CA ALA A 180 16.70 12.07 -7.88
C ALA A 180 18.16 11.61 -7.89
N PRO A 181 18.49 10.49 -7.24
CA PRO A 181 19.91 10.06 -7.24
C PRO A 181 20.50 9.86 -8.64
N LEU A 182 19.67 9.53 -9.62
CA LEU A 182 20.10 9.25 -10.98
C LEU A 182 20.10 10.46 -11.89
N ALA A 183 19.64 11.60 -11.38
CA ALA A 183 19.58 12.84 -12.14
C ALA A 183 21.01 13.38 -12.16
N PRO A 184 21.39 14.07 -13.25
CA PRO A 184 22.75 14.60 -13.35
C PRO A 184 23.14 15.66 -12.33
N GLU A 185 22.19 16.49 -11.88
CA GLU A 185 22.53 17.51 -10.91
C GLU A 185 22.00 17.11 -9.56
N ASP A 186 22.52 17.75 -8.51
CA ASP A 186 22.06 17.50 -7.14
C ASP A 186 20.65 18.08 -7.00
N THR A 187 19.86 17.51 -6.09
CA THR A 187 18.50 17.96 -5.90
C THR A 187 18.20 18.23 -4.42
N VAL A 188 17.50 19.31 -4.13
CA VAL A 188 17.10 19.60 -2.77
C VAL A 188 15.60 19.59 -2.85
N ILE A 189 15.00 18.63 -2.14
CA ILE A 189 13.55 18.47 -2.14
C ILE A 189 12.99 19.10 -0.86
N ARG A 190 12.19 20.15 -1.01
CA ARG A 190 11.62 20.81 0.17
C ARG A 190 10.15 20.45 0.33
N ILE A 191 9.75 19.97 1.52
CA ILE A 191 8.34 19.61 1.76
C ILE A 191 7.60 20.92 2.07
N LYS A 192 6.48 21.17 1.40
CA LYS A 192 5.77 22.44 1.60
C LYS A 192 5.21 22.67 2.98
N GLY A 193 4.51 21.66 3.49
CA GLY A 193 3.92 21.77 4.79
C GLY A 193 3.86 20.42 5.47
N ASP A 194 2.66 19.90 5.68
CA ASP A 194 2.51 18.62 6.34
C ASP A 194 2.93 17.46 5.45
N LEU A 195 3.20 16.33 6.07
CA LEU A 195 3.57 15.13 5.34
C LEU A 195 2.74 13.99 5.93
N VAL A 196 1.85 13.46 5.12
CA VAL A 196 1.02 12.36 5.60
C VAL A 196 1.69 11.06 5.29
N SER A 197 1.23 10.00 5.94
CA SER A 197 1.75 8.66 5.69
C SER A 197 3.27 8.57 5.79
N LYS A 198 3.83 9.29 6.75
CA LYS A 198 5.28 9.36 6.92
C LYS A 198 6.03 8.04 6.93
N PRO A 199 5.46 6.99 7.56
CA PRO A 199 6.22 5.73 7.58
C PRO A 199 6.57 5.17 6.21
N TYR A 200 5.79 5.51 5.19
CA TYR A 200 6.12 4.96 3.87
C TYR A 200 7.38 5.57 3.32
N ILE A 201 7.74 6.75 3.81
CA ILE A 201 8.97 7.40 3.38
C ILE A 201 10.14 6.60 3.96
N ASP A 202 10.01 6.08 5.18
CA ASP A 202 11.07 5.27 5.76
C ASP A 202 11.21 3.98 4.97
N ILE A 203 10.11 3.45 4.43
CA ILE A 203 10.25 2.24 3.64
C ILE A 203 11.10 2.59 2.37
N THR A 204 10.80 3.71 1.73
CA THR A 204 11.53 4.13 0.54
C THR A 204 13.03 4.31 0.79
N LEU A 205 13.34 4.99 1.89
CA LEU A 205 14.77 5.22 2.19
C LEU A 205 15.48 3.91 2.52
N ASN A 206 14.78 3.01 3.20
CA ASN A 206 15.36 1.72 3.54
C ASN A 206 15.69 0.97 2.23
N LEU A 207 14.72 0.92 1.29
CA LEU A 207 15.00 0.22 0.04
C LEU A 207 16.13 0.90 -0.77
N MET A 208 16.10 2.23 -0.82
CA MET A 208 17.18 2.95 -1.56
C MET A 208 18.55 2.59 -0.97
N LYS A 209 18.63 2.55 0.37
CA LYS A 209 19.92 2.19 0.98
C LYS A 209 20.33 0.75 0.62
N THR A 210 19.35 -0.15 0.64
CA THR A 210 19.67 -1.52 0.27
C THR A 210 20.27 -1.57 -1.15
N PHE A 211 19.79 -0.66 -2.02
CA PHE A 211 20.27 -0.60 -3.39
C PHE A 211 21.43 0.35 -3.61
N GLY A 212 22.09 0.71 -2.52
CA GLY A 212 23.30 1.50 -2.64
C GLY A 212 23.25 3.00 -2.57
N VAL A 213 22.12 3.58 -2.19
CA VAL A 213 22.03 5.02 -2.17
C VAL A 213 21.47 5.56 -0.86
N GLU A 214 22.15 6.58 -0.32
CA GLU A 214 21.71 7.27 0.89
C GLU A 214 21.56 8.75 0.55
N ILE A 215 20.69 9.43 1.27
CA ILE A 215 20.51 10.85 1.04
C ILE A 215 20.47 11.55 2.41
N GLU A 216 20.43 12.87 2.41
CA GLU A 216 20.36 13.60 3.67
C GLU A 216 18.94 13.98 4.01
N ASN A 217 18.40 13.36 5.06
CA ASN A 217 17.03 13.65 5.50
C ASN A 217 17.07 14.70 6.63
N GLN A 218 16.63 15.92 6.34
CA GLN A 218 16.62 16.94 7.37
C GLN A 218 15.24 17.02 8.05
N HIS A 219 15.03 16.16 9.06
CA HIS A 219 13.78 16.13 9.84
C HIS A 219 12.51 16.05 9.01
N TYR A 220 12.60 15.35 7.88
CA TYR A 220 11.48 15.18 6.94
C TYR A 220 10.90 16.46 6.38
N GLN A 221 11.65 17.54 6.49
CA GLN A 221 11.16 18.81 5.97
C GLN A 221 11.90 19.08 4.68
N GLN A 222 13.08 18.49 4.56
CA GLN A 222 13.88 18.71 3.38
C GLN A 222 14.84 17.55 3.16
N PHE A 223 15.01 17.19 1.90
CA PHE A 223 15.89 16.09 1.54
C PHE A 223 16.93 16.52 0.53
N VAL A 224 18.21 16.31 0.88
CA VAL A 224 19.33 16.68 0.03
C VAL A 224 19.88 15.42 -0.62
N VAL A 225 19.83 15.44 -1.95
CA VAL A 225 20.26 14.33 -2.77
C VAL A 225 21.40 14.66 -3.70
N LYS A 226 22.43 13.83 -3.72
CA LYS A 226 23.53 14.04 -4.65
C LYS A 226 23.17 13.35 -5.95
N GLY A 227 23.33 14.07 -7.05
CA GLY A 227 23.06 13.49 -8.36
C GLY A 227 24.23 12.62 -8.85
N GLY A 228 24.06 12.02 -10.02
CA GLY A 228 25.09 11.19 -10.63
C GLY A 228 25.40 9.87 -9.97
N GLN A 229 24.46 9.37 -9.17
CA GLN A 229 24.65 8.09 -8.50
C GLN A 229 24.13 6.95 -9.32
N SER A 230 24.35 5.76 -8.79
CA SER A 230 23.89 4.55 -9.47
C SER A 230 23.39 3.57 -8.46
N TYR A 231 22.28 2.91 -8.77
CA TYR A 231 21.81 1.86 -7.87
C TYR A 231 22.58 0.58 -8.20
N GLN A 232 22.79 -0.25 -7.18
CA GLN A 232 23.55 -1.48 -7.35
C GLN A 232 22.78 -2.67 -6.77
N SER A 233 22.81 -3.78 -7.48
CA SER A 233 22.12 -4.99 -6.99
C SER A 233 22.62 -5.41 -5.61
N PRO A 234 21.71 -5.75 -4.70
CA PRO A 234 22.12 -6.20 -3.35
C PRO A 234 22.33 -7.72 -3.35
N GLY A 235 22.27 -8.36 -4.53
CA GLY A 235 22.41 -9.81 -4.61
C GLY A 235 21.02 -10.39 -4.34
N THR A 236 20.85 -11.21 -3.29
CA THR A 236 19.54 -11.75 -2.97
C THR A 236 18.90 -10.84 -1.95
N TYR A 237 17.63 -10.55 -2.12
CA TYR A 237 16.93 -9.66 -1.20
C TYR A 237 15.61 -10.31 -0.83
N LEU A 238 15.34 -10.41 0.47
CA LEU A 238 14.09 -11.01 0.97
C LEU A 238 13.06 -9.93 1.21
N VAL A 239 11.95 -10.04 0.49
CA VAL A 239 10.86 -9.09 0.65
C VAL A 239 10.08 -9.41 1.94
N GLU A 240 9.86 -8.41 2.81
CA GLU A 240 9.08 -8.63 4.04
C GLU A 240 7.66 -9.09 3.73
N GLY A 241 7.09 -9.90 4.61
CA GLY A 241 5.65 -10.20 4.46
C GLY A 241 4.87 -8.87 4.57
N ASP A 242 3.63 -8.85 4.09
CA ASP A 242 2.87 -7.61 4.05
C ASP A 242 2.15 -7.35 5.38
N ALA A 243 2.57 -6.30 6.08
CA ALA A 243 2.00 -5.95 7.37
C ALA A 243 0.56 -5.41 7.25
N SER A 244 0.23 -4.86 6.09
CA SER A 244 -1.14 -4.36 5.87
C SER A 244 -2.07 -5.58 5.72
N SER A 245 -1.66 -6.55 4.93
CA SER A 245 -2.42 -7.79 4.79
C SER A 245 -2.49 -8.53 6.12
N ALA A 246 -1.45 -8.39 6.94
CA ALA A 246 -1.49 -9.09 8.24
C ALA A 246 -2.61 -8.56 9.14
N SER A 247 -3.00 -7.30 8.94
CA SER A 247 -3.94 -6.68 9.86
C SER A 247 -5.25 -7.42 10.00
N TYR A 248 -5.71 -8.00 8.89
CA TYR A 248 -6.99 -8.69 8.94
C TYR A 248 -6.96 -9.91 9.86
N PHE A 249 -5.85 -10.64 9.82
CA PHE A 249 -5.75 -11.87 10.59
C PHE A 249 -5.49 -11.59 12.06
N LEU A 250 -4.67 -10.56 12.33
CA LEU A 250 -4.45 -10.20 13.73
C LEU A 250 -5.75 -9.67 14.33
N ALA A 251 -6.48 -8.82 13.60
CA ALA A 251 -7.77 -8.30 14.11
C ALA A 251 -8.73 -9.49 14.30
N ALA A 252 -8.71 -10.46 13.38
CA ALA A 252 -9.63 -11.60 13.54
C ALA A 252 -9.43 -12.28 14.90
N ALA A 253 -8.19 -12.39 15.32
CA ALA A 253 -7.91 -13.02 16.63
C ALA A 253 -8.34 -12.14 17.75
N ALA A 254 -8.15 -10.84 17.62
CA ALA A 254 -8.57 -9.93 18.65
C ALA A 254 -10.10 -9.97 18.86
N ILE A 255 -10.82 -10.30 17.78
CA ILE A 255 -12.27 -10.40 17.83
C ILE A 255 -12.77 -11.79 18.24
N LYS A 256 -12.15 -12.82 17.71
CA LYS A 256 -12.72 -14.16 17.88
C LYS A 256 -11.68 -15.24 18.15
N GLY A 257 -10.47 -14.87 18.61
CA GLY A 257 -9.48 -15.90 18.89
C GLY A 257 -9.68 -16.53 20.27
N GLY A 258 -8.82 -17.48 20.63
CA GLY A 258 -7.74 -17.95 19.77
C GLY A 258 -6.50 -17.09 19.68
N THR A 259 -5.46 -17.67 19.10
CA THR A 259 -4.22 -16.94 18.83
C THR A 259 -3.94 -17.10 17.33
N VAL A 260 -3.69 -15.98 16.67
CA VAL A 260 -3.32 -16.06 15.28
C VAL A 260 -1.95 -15.45 15.18
N LYS A 261 -1.05 -16.23 14.58
CA LYS A 261 0.34 -15.80 14.36
C LYS A 261 0.57 -15.55 12.88
N VAL A 262 1.20 -14.43 12.54
CA VAL A 262 1.48 -14.20 11.13
C VAL A 262 2.99 -14.21 11.03
N THR A 263 3.51 -14.83 9.99
CA THR A 263 4.97 -14.89 9.86
C THR A 263 5.40 -14.12 8.66
N GLY A 264 6.64 -13.68 8.69
CA GLY A 264 7.17 -12.89 7.57
C GLY A 264 7.40 -11.45 7.99
N ILE A 265 6.89 -11.05 9.15
CA ILE A 265 7.14 -9.69 9.67
C ILE A 265 7.38 -9.89 11.15
N GLY A 266 8.05 -8.94 11.79
CA GLY A 266 8.33 -9.08 13.21
C GLY A 266 8.72 -7.71 13.75
N ARG A 267 9.36 -7.68 14.92
CA ARG A 267 9.64 -6.42 15.54
C ARG A 267 10.58 -5.49 14.82
N ASN A 268 11.38 -6.05 13.92
CA ASN A 268 12.35 -5.29 13.16
C ASN A 268 11.80 -4.82 11.80
N SER A 269 10.55 -5.13 11.49
CA SER A 269 10.01 -4.71 10.17
C SER A 269 10.11 -3.24 9.88
N MET A 270 10.33 -2.93 8.60
CA MET A 270 10.41 -1.54 8.19
C MET A 270 9.02 -0.93 7.93
N GLN A 271 7.99 -1.77 7.87
CA GLN A 271 6.63 -1.28 7.58
C GLN A 271 5.90 -0.64 8.75
N GLY A 272 5.33 0.55 8.51
CA GLY A 272 4.59 1.26 9.52
C GLY A 272 3.39 0.49 10.01
N ASP A 273 2.80 -0.35 9.19
CA ASP A 273 1.61 -1.03 9.67
C ASP A 273 1.79 -2.09 10.74
N ILE A 274 3.02 -2.43 11.10
CA ILE A 274 3.15 -3.33 12.24
C ILE A 274 2.62 -2.57 13.47
N ARG A 275 2.57 -1.22 13.42
CA ARG A 275 2.01 -0.50 14.57
C ARG A 275 0.50 -0.75 14.76
N PHE A 276 -0.13 -1.42 13.80
CA PHE A 276 -1.52 -1.79 13.94
C PHE A 276 -1.65 -2.72 15.17
N ALA A 277 -0.63 -3.54 15.41
CA ALA A 277 -0.67 -4.45 16.55
C ALA A 277 -0.78 -3.64 17.84
N ASP A 278 -0.12 -2.47 17.91
CA ASP A 278 -0.22 -1.64 19.11
C ASP A 278 -1.66 -1.15 19.34
N VAL A 279 -2.40 -0.88 18.24
CA VAL A 279 -3.77 -0.45 18.39
C VAL A 279 -4.60 -1.60 18.96
N LEU A 280 -4.39 -2.82 18.45
CA LEU A 280 -5.17 -3.95 18.99
C LEU A 280 -4.86 -4.10 20.48
N GLU A 281 -3.59 -3.89 20.84
CA GLU A 281 -3.19 -4.00 22.25
C GLU A 281 -3.94 -2.93 23.06
N LYS A 282 -4.02 -1.72 22.53
CA LYS A 282 -4.71 -0.65 23.22
C LYS A 282 -6.21 -0.96 23.39
N MET A 283 -6.78 -1.75 22.48
CA MET A 283 -8.18 -2.12 22.55
C MET A 283 -8.40 -3.29 23.51
N GLY A 284 -7.33 -3.95 23.91
CA GLY A 284 -7.51 -5.04 24.86
C GLY A 284 -7.04 -6.39 24.45
N ALA A 285 -6.44 -6.50 23.26
CA ALA A 285 -5.92 -7.78 22.84
C ALA A 285 -4.48 -7.98 23.37
N THR A 286 -4.00 -9.21 23.30
CA THR A 286 -2.63 -9.52 23.73
C THR A 286 -1.77 -9.73 22.48
N ILE A 287 -0.61 -9.08 22.43
CA ILE A 287 0.27 -9.19 21.27
C ILE A 287 1.62 -9.82 21.67
N CYS A 288 2.16 -10.70 20.82
CA CYS A 288 3.47 -11.29 21.08
C CYS A 288 4.29 -10.92 19.87
N TRP A 289 5.55 -10.56 20.10
CA TRP A 289 6.44 -10.18 19.03
C TRP A 289 7.61 -11.14 18.88
N GLY A 290 7.97 -11.47 17.66
CA GLY A 290 9.12 -12.29 17.43
C GLY A 290 9.99 -11.62 16.38
N ASP A 291 11.07 -12.28 16.03
CA ASP A 291 11.92 -11.76 15.01
C ASP A 291 11.24 -11.89 13.67
N ASP A 292 10.51 -13.00 13.49
CA ASP A 292 9.86 -13.22 12.24
C ASP A 292 8.37 -13.51 12.38
N TYR A 293 7.77 -13.09 13.49
CA TYR A 293 6.31 -13.23 13.57
C TYR A 293 5.73 -12.18 14.48
N ILE A 294 4.41 -11.96 14.33
CA ILE A 294 3.64 -11.16 15.26
C ILE A 294 2.42 -12.03 15.55
N SER A 295 2.01 -12.12 16.80
CA SER A 295 0.81 -12.90 17.07
C SER A 295 -0.14 -12.10 17.91
N CYS A 296 -1.41 -12.40 17.76
CA CYS A 296 -2.44 -11.71 18.55
C CYS A 296 -3.33 -12.77 19.21
N THR A 297 -3.66 -12.55 20.48
CA THR A 297 -4.53 -13.48 21.20
C THR A 297 -5.69 -12.67 21.76
N ARG A 298 -6.87 -13.25 21.63
CA ARG A 298 -8.07 -12.62 22.15
C ARG A 298 -7.94 -12.23 23.62
N GLY A 299 -8.34 -11.02 23.95
CA GLY A 299 -8.41 -10.56 25.33
C GLY A 299 -9.81 -9.98 25.40
N GLU A 300 -9.89 -8.67 25.31
CA GLU A 300 -11.19 -8.01 25.24
C GLU A 300 -11.05 -6.97 24.14
N LEU A 301 -12.14 -6.28 23.85
CA LEU A 301 -12.09 -5.29 22.78
C LEU A 301 -12.92 -4.06 23.18
N ASN A 302 -12.21 -2.97 23.44
CA ASN A 302 -12.76 -1.69 23.84
C ASN A 302 -12.51 -0.68 22.77
N ALA A 303 -13.49 0.22 22.59
CA ALA A 303 -13.41 1.29 21.58
C ALA A 303 -12.22 2.21 21.87
N ILE A 304 -11.70 2.83 20.81
CA ILE A 304 -10.58 3.76 20.94
C ILE A 304 -10.87 5.02 20.08
N ASP A 305 -10.11 6.06 20.35
CA ASP A 305 -10.22 7.35 19.67
C ASP A 305 -8.77 7.75 19.42
N MET A 306 -8.35 7.57 18.18
CA MET A 306 -6.97 7.81 17.77
C MET A 306 -6.77 8.41 16.41
N ASP A 307 -5.68 9.16 16.28
CA ASP A 307 -5.25 9.74 15.00
C ASP A 307 -4.58 8.53 14.32
N MET A 308 -5.06 8.19 13.13
CA MET A 308 -4.54 7.03 12.43
C MET A 308 -3.74 7.37 11.22
N ASN A 309 -3.23 8.61 11.15
CA ASN A 309 -2.48 9.02 9.95
C ASN A 309 -1.25 8.19 9.64
N HIS A 310 -0.66 7.59 10.66
CA HIS A 310 0.53 6.79 10.48
C HIS A 310 0.27 5.36 9.96
N ILE A 311 -1.00 4.92 9.95
CA ILE A 311 -1.32 3.57 9.45
C ILE A 311 -2.67 3.65 8.69
N PRO A 312 -2.73 4.48 7.65
CA PRO A 312 -3.97 4.64 6.89
C PRO A 312 -4.57 3.36 6.32
N ALA A 313 -3.74 2.41 5.91
CA ALA A 313 -4.26 1.18 5.33
C ALA A 313 -4.82 0.27 6.42
N ALA A 314 -3.96 -0.10 7.35
CA ALA A 314 -4.44 -0.98 8.43
C ALA A 314 -5.54 -0.33 9.30
N ALA A 315 -5.61 1.00 9.33
CA ALA A 315 -6.64 1.63 10.12
C ALA A 315 -8.05 1.22 9.67
N MET A 316 -8.20 0.91 8.38
CA MET A 316 -9.52 0.51 7.89
C MET A 316 -9.98 -0.74 8.62
N THR A 317 -9.03 -1.60 8.96
CA THR A 317 -9.35 -2.84 9.65
C THR A 317 -9.91 -2.55 11.04
N ILE A 318 -9.45 -1.46 11.68
CA ILE A 318 -10.05 -1.11 12.98
C ILE A 318 -11.52 -0.68 12.79
N ALA A 319 -11.85 -0.03 11.66
CA ALA A 319 -13.24 0.37 11.45
C ALA A 319 -14.22 -0.81 11.49
N THR A 320 -13.87 -1.97 10.92
CA THR A 320 -14.82 -3.10 11.06
C THR A 320 -14.60 -3.83 12.38
N ALA A 321 -13.38 -3.88 12.90
CA ALA A 321 -13.16 -4.49 14.20
C ALA A 321 -14.01 -3.74 15.26
N ALA A 322 -14.19 -2.43 15.06
CA ALA A 322 -14.96 -1.59 15.97
C ALA A 322 -16.38 -2.11 16.13
N LEU A 323 -16.87 -2.88 15.15
CA LEU A 323 -18.24 -3.42 15.28
C LEU A 323 -18.36 -4.35 16.48
N PHE A 324 -17.22 -4.90 16.92
CA PHE A 324 -17.20 -5.86 18.00
C PHE A 324 -16.69 -5.28 19.30
N ALA A 325 -16.35 -3.99 19.30
CA ALA A 325 -15.77 -3.38 20.51
C ALA A 325 -16.85 -2.75 21.38
N LYS A 326 -16.49 -2.56 22.65
CA LYS A 326 -17.39 -1.93 23.62
C LYS A 326 -17.19 -0.41 23.52
N GLY A 327 -18.24 0.33 23.11
CA GLY A 327 -18.12 1.77 23.02
C GLY A 327 -18.01 2.27 21.59
N THR A 328 -17.90 3.58 21.46
CA THR A 328 -17.81 4.25 20.17
C THR A 328 -16.36 4.49 19.76
N THR A 329 -15.99 4.01 18.57
CA THR A 329 -14.64 4.21 18.06
C THR A 329 -14.56 5.37 17.10
N THR A 330 -13.51 6.16 17.25
CA THR A 330 -13.29 7.28 16.34
C THR A 330 -11.88 7.19 15.75
N LEU A 331 -11.76 7.24 14.43
CA LEU A 331 -10.50 7.20 13.73
C LEU A 331 -10.34 8.55 13.06
N ARG A 332 -9.26 9.26 13.42
CA ARG A 332 -9.02 10.62 12.96
C ARG A 332 -7.82 10.80 12.07
N ASN A 333 -7.83 11.95 11.37
CA ASN A 333 -6.74 12.39 10.50
C ASN A 333 -6.46 11.38 9.40
N ILE A 334 -7.54 11.01 8.74
CA ILE A 334 -7.47 10.05 7.66
C ILE A 334 -8.11 10.56 6.40
N TYR A 335 -7.94 11.86 6.14
CA TYR A 335 -8.53 12.42 4.94
C TYR A 335 -8.19 11.68 3.66
N ASN A 336 -6.92 11.27 3.49
CA ASN A 336 -6.58 10.68 2.19
C ASN A 336 -7.17 9.32 1.87
N TRP A 337 -7.93 8.80 2.82
CA TRP A 337 -8.77 7.62 2.53
C TRP A 337 -9.67 8.01 1.32
N ARG A 338 -9.96 9.31 1.17
CA ARG A 338 -10.85 9.73 0.09
C ARG A 338 -10.27 9.67 -1.31
N VAL A 339 -8.94 9.59 -1.42
CA VAL A 339 -8.38 9.63 -2.77
C VAL A 339 -7.64 8.38 -3.16
N LYS A 340 -8.09 7.27 -2.58
CA LYS A 340 -7.43 6.01 -2.85
C LYS A 340 -8.22 5.09 -3.78
N GLU A 341 -8.18 3.75 -3.60
CA GLU A 341 -8.90 2.86 -4.53
C GLU A 341 -10.36 3.25 -4.69
N THR A 342 -10.92 3.84 -3.64
CA THR A 342 -12.27 4.42 -3.69
C THR A 342 -12.26 5.51 -2.63
N ASP A 343 -13.34 6.27 -2.48
CA ASP A 343 -13.35 7.22 -1.36
C ASP A 343 -13.70 6.28 -0.19
N ARG A 344 -12.67 5.93 0.58
CA ARG A 344 -12.87 4.95 1.65
C ARG A 344 -13.65 5.46 2.85
N LEU A 345 -13.69 6.77 3.08
CA LEU A 345 -14.52 7.26 4.18
C LEU A 345 -15.98 7.09 3.77
N PHE A 346 -16.34 7.48 2.54
CA PHE A 346 -17.72 7.28 2.12
C PHE A 346 -18.07 5.80 2.10
N ALA A 347 -17.17 5.00 1.50
CA ALA A 347 -17.48 3.58 1.36
C ALA A 347 -17.57 2.87 2.71
N MET A 348 -16.62 3.12 3.59
CA MET A 348 -16.65 2.47 4.90
C MET A 348 -17.92 2.87 5.69
N ALA A 349 -18.26 4.16 5.68
CA ALA A 349 -19.44 4.56 6.40
C ALA A 349 -20.71 3.91 5.84
N THR A 350 -20.84 3.92 4.51
CA THR A 350 -22.00 3.35 3.86
C THR A 350 -22.13 1.87 4.18
N GLU A 351 -21.04 1.11 4.03
CA GLU A 351 -21.19 -0.33 4.27
C GLU A 351 -21.35 -0.68 5.75
N LEU A 352 -20.71 0.06 6.63
CA LEU A 352 -20.86 -0.21 8.07
C LEU A 352 -22.32 -0.03 8.49
N ARG A 353 -22.99 0.98 7.94
CA ARG A 353 -24.38 1.19 8.34
C ARG A 353 -25.26 0.02 7.88
N LYS A 354 -24.85 -0.63 6.79
CA LYS A 354 -25.66 -1.74 6.30
C LYS A 354 -25.72 -2.92 7.24
N VAL A 355 -24.71 -3.10 8.08
CA VAL A 355 -24.73 -4.23 9.02
C VAL A 355 -25.25 -3.78 10.40
N GLY A 356 -25.68 -2.52 10.48
CA GLY A 356 -26.32 -2.05 11.71
C GLY A 356 -25.65 -0.95 12.54
N ALA A 357 -24.45 -0.55 12.19
CA ALA A 357 -23.77 0.48 12.98
C ALA A 357 -24.34 1.88 12.71
N GLU A 358 -24.22 2.74 13.72
CA GLU A 358 -24.58 4.14 13.56
C GLU A 358 -23.22 4.75 13.28
N VAL A 359 -23.10 5.49 12.18
CA VAL A 359 -21.81 6.02 11.76
C VAL A 359 -21.82 7.48 11.34
N GLU A 360 -20.88 8.25 11.90
CA GLU A 360 -20.75 9.63 11.46
C GLU A 360 -19.58 9.64 10.49
N GLU A 361 -19.84 10.06 9.26
CA GLU A 361 -18.78 10.14 8.26
C GLU A 361 -18.25 11.57 8.34
N GLY A 362 -17.14 11.76 9.05
CA GLY A 362 -16.54 13.09 9.10
C GLY A 362 -15.77 13.42 7.85
N HIS A 363 -15.42 14.70 7.68
CA HIS A 363 -14.67 15.00 6.50
C HIS A 363 -13.33 14.24 6.44
N ASP A 364 -12.69 14.08 7.59
CA ASP A 364 -11.40 13.41 7.64
C ASP A 364 -11.28 12.49 8.87
N TYR A 365 -12.43 11.97 9.30
CA TYR A 365 -12.51 11.04 10.43
C TYR A 365 -13.78 10.22 10.29
N ILE A 366 -13.90 9.16 11.09
CA ILE A 366 -15.10 8.37 11.08
C ILE A 366 -15.36 7.98 12.52
N ARG A 367 -16.62 8.04 12.92
CA ARG A 367 -17.04 7.69 14.29
C ARG A 367 -18.04 6.56 14.14
N ILE A 368 -17.82 5.47 14.88
CA ILE A 368 -18.58 4.24 14.75
C ILE A 368 -19.17 3.74 16.06
N THR A 369 -20.48 3.63 16.12
CA THR A 369 -21.16 3.10 17.30
C THR A 369 -21.76 1.77 16.87
N PRO A 370 -21.26 0.68 17.42
CA PRO A 370 -21.77 -0.65 17.04
C PRO A 370 -23.18 -0.93 17.47
N PRO A 371 -23.87 -1.80 16.73
CA PRO A 371 -25.23 -2.17 17.08
C PRO A 371 -25.13 -3.26 18.17
N GLU A 372 -26.25 -3.55 18.83
CA GLU A 372 -26.29 -4.60 19.84
C GLU A 372 -26.00 -5.91 19.13
N LYS A 373 -26.51 -6.06 17.92
CA LYS A 373 -26.20 -7.27 17.17
C LYS A 373 -26.17 -6.89 15.69
N LEU A 374 -25.31 -7.56 14.96
CA LEU A 374 -25.16 -7.29 13.53
C LEU A 374 -26.28 -7.94 12.75
N ASN A 375 -26.54 -7.41 11.57
CA ASN A 375 -27.52 -8.02 10.68
C ASN A 375 -26.81 -8.38 9.38
N PHE A 376 -27.47 -9.21 8.57
CA PHE A 376 -26.90 -9.58 7.31
C PHE A 376 -26.89 -8.39 6.33
N ALA A 377 -25.83 -8.31 5.54
CA ALA A 377 -25.82 -7.35 4.45
C ALA A 377 -25.04 -7.93 3.28
N GLU A 378 -25.36 -7.42 2.10
CA GLU A 378 -24.59 -7.73 0.89
C GLU A 378 -23.69 -6.49 0.79
N ILE A 379 -22.39 -6.69 0.95
CA ILE A 379 -21.43 -5.58 0.98
C ILE A 379 -20.86 -5.21 -0.36
N ALA A 380 -20.99 -3.95 -0.73
CA ALA A 380 -20.41 -3.43 -1.99
C ALA A 380 -18.91 -3.19 -1.70
N THR A 381 -18.06 -3.46 -2.68
CA THR A 381 -16.64 -3.36 -2.43
C THR A 381 -15.86 -2.31 -3.20
N TYR A 382 -16.55 -1.61 -4.11
CA TYR A 382 -15.96 -0.41 -4.73
C TYR A 382 -14.61 -0.64 -5.41
N ASN A 383 -14.43 -1.83 -5.96
CA ASN A 383 -13.18 -2.22 -6.63
C ASN A 383 -12.00 -1.97 -5.69
N ASP A 384 -12.23 -2.17 -4.40
CA ASP A 384 -11.21 -1.90 -3.39
C ASP A 384 -10.94 -3.14 -2.54
N HIS A 385 -9.80 -3.78 -2.81
CA HIS A 385 -9.39 -4.97 -2.06
C HIS A 385 -9.62 -4.81 -0.57
N ARG A 386 -9.35 -3.62 0.00
CA ARG A 386 -9.50 -3.50 1.44
C ARG A 386 -10.93 -3.48 1.95
N MET A 387 -11.88 -3.06 1.13
CA MET A 387 -13.29 -3.11 1.58
C MET A 387 -13.66 -4.58 1.71
N ALA A 388 -13.25 -5.41 0.75
CA ALA A 388 -13.58 -6.82 0.82
C ALA A 388 -12.92 -7.46 2.05
N MET A 389 -11.63 -7.18 2.26
CA MET A 389 -10.98 -7.82 3.41
C MET A 389 -11.50 -7.28 4.74
N CYS A 390 -11.73 -5.99 4.82
CA CYS A 390 -12.26 -5.48 6.10
C CYS A 390 -13.61 -6.07 6.43
N PHE A 391 -14.49 -6.17 5.43
CA PHE A 391 -15.82 -6.65 5.75
C PHE A 391 -15.92 -8.15 5.93
N SER A 392 -14.88 -8.88 5.54
CA SER A 392 -14.86 -10.30 5.79
C SER A 392 -14.97 -10.51 7.32
N LEU A 393 -14.52 -9.56 8.14
CA LEU A 393 -14.55 -9.72 9.59
C LEU A 393 -15.96 -9.74 10.17
N VAL A 394 -16.96 -9.28 9.39
CA VAL A 394 -18.33 -9.29 9.87
C VAL A 394 -18.77 -10.75 10.18
N ALA A 395 -18.19 -11.72 9.50
CA ALA A 395 -18.54 -13.14 9.72
C ALA A 395 -18.05 -13.71 11.05
N LEU A 396 -17.24 -12.95 11.82
CA LEU A 396 -16.75 -13.45 13.13
C LEU A 396 -17.87 -13.08 14.11
N SER A 397 -19.10 -13.45 13.78
CA SER A 397 -20.28 -13.06 14.57
C SER A 397 -21.30 -14.12 14.31
N ASP A 398 -22.54 -13.84 14.69
CA ASP A 398 -23.61 -14.82 14.46
C ASP A 398 -24.24 -14.72 13.08
N THR A 399 -23.82 -13.71 12.29
CA THR A 399 -24.41 -13.58 10.97
C THR A 399 -23.50 -13.79 9.81
N PRO A 400 -24.01 -14.41 8.74
CA PRO A 400 -23.15 -14.56 7.54
C PRO A 400 -23.06 -13.15 6.93
N VAL A 401 -22.19 -13.02 5.94
CA VAL A 401 -22.10 -11.73 5.22
C VAL A 401 -21.83 -12.10 3.77
N THR A 402 -22.37 -11.32 2.83
CA THR A 402 -22.08 -11.59 1.43
C THR A 402 -21.21 -10.44 0.92
N ILE A 403 -20.10 -10.80 0.30
CA ILE A 403 -19.13 -9.82 -0.20
C ILE A 403 -19.19 -9.79 -1.73
N LEU A 404 -19.53 -8.64 -2.30
CA LEU A 404 -19.62 -8.57 -3.76
C LEU A 404 -18.19 -8.44 -4.35
N ASP A 405 -18.01 -8.98 -5.56
CA ASP A 405 -16.72 -8.92 -6.27
C ASP A 405 -15.53 -9.29 -5.36
N PRO A 406 -15.56 -10.47 -4.76
CA PRO A 406 -14.49 -10.89 -3.87
C PRO A 406 -13.12 -10.91 -4.52
N LYS A 407 -13.07 -11.07 -5.85
CA LYS A 407 -11.77 -11.11 -6.50
C LYS A 407 -11.06 -9.77 -6.52
N CYS A 408 -11.72 -8.71 -6.04
CA CYS A 408 -11.04 -7.44 -5.96
C CYS A 408 -9.90 -7.52 -4.96
N THR A 409 -9.90 -8.51 -4.07
CA THR A 409 -8.77 -8.63 -3.14
C THR A 409 -7.44 -8.86 -3.89
N ALA A 410 -7.51 -9.30 -5.15
CA ALA A 410 -6.29 -9.57 -5.91
C ALA A 410 -5.38 -8.37 -6.09
N LYS A 411 -5.86 -7.15 -5.81
CA LYS A 411 -4.99 -6.02 -5.95
C LYS A 411 -3.70 -6.24 -5.12
N THR A 412 -3.86 -6.80 -3.92
CA THR A 412 -2.72 -7.09 -3.07
C THR A 412 -2.73 -8.47 -2.45
N PHE A 413 -3.79 -9.25 -2.63
CA PHE A 413 -3.87 -10.49 -1.87
C PHE A 413 -4.86 -11.43 -2.51
N PRO A 414 -4.47 -12.00 -3.66
CA PRO A 414 -5.33 -12.94 -4.38
C PRO A 414 -5.86 -14.09 -3.53
N ASP A 415 -5.06 -14.62 -2.61
CA ASP A 415 -5.52 -15.78 -1.83
C ASP A 415 -6.16 -15.41 -0.49
N TYR A 416 -6.60 -14.17 -0.34
CA TYR A 416 -7.13 -13.75 0.94
C TYR A 416 -8.18 -14.68 1.56
N PHE A 417 -9.22 -15.04 0.82
CA PHE A 417 -10.26 -15.83 1.47
C PHE A 417 -9.84 -17.23 1.84
N GLU A 418 -8.98 -17.86 1.04
CA GLU A 418 -8.51 -19.18 1.43
C GLU A 418 -7.66 -19.04 2.73
N GLN A 419 -6.88 -17.97 2.86
CA GLN A 419 -6.07 -17.79 4.04
C GLN A 419 -6.94 -17.52 5.28
N LEU A 420 -8.02 -16.72 5.14
CA LEU A 420 -8.92 -16.48 6.27
C LEU A 420 -9.55 -17.86 6.64
N ALA A 421 -9.91 -18.64 5.62
CA ALA A 421 -10.51 -19.95 5.89
C ALA A 421 -9.55 -20.86 6.63
N ARG A 422 -8.27 -20.76 6.34
CA ARG A 422 -7.28 -21.61 6.98
C ARG A 422 -7.28 -21.44 8.52
N ILE A 423 -7.49 -20.23 9.02
CA ILE A 423 -7.52 -20.00 10.45
C ILE A 423 -8.94 -20.02 11.03
N SER A 424 -9.96 -20.20 10.18
CA SER A 424 -11.37 -20.23 10.65
C SER A 424 -11.66 -21.63 11.19
N GLN A 425 -12.20 -21.70 12.41
CA GLN A 425 -12.45 -22.98 13.04
C GLN A 425 -13.91 -23.03 13.44
N ALA A 426 -14.47 -24.23 13.45
CA ALA A 426 -15.88 -24.35 13.77
C ALA A 426 -16.10 -24.56 15.24
N ALA A 427 -15.04 -24.96 15.93
CA ALA A 427 -15.14 -25.23 17.34
C ALA A 427 -13.98 -24.58 18.07
#